data_1BS2
#
_entry.id   1BS2
#
_cell.length_a   100.374
_cell.length_b   100.374
_cell.length_c   204.341
_cell.angle_alpha   90.00
_cell.angle_beta   90.00
_cell.angle_gamma   90.00
#
_symmetry.space_group_name_H-M   'P 43 21 2'
#
loop_
_entity.id
_entity.type
_entity.pdbx_description
1 polymer 'PROTEIN (ARGINYL-TRNA SYNTHETASE)'
2 non-polymer ARGININE
3 water water
#
_entity_poly.entity_id   1
_entity_poly.type   'polypeptide(L)'
_entity_poly.pdbx_seq_one_letter_code
;MASTANMISQLKKLSIAEPAVAKDSHPDVNIVDLMRNYISQELSKISGVDSSLIFPALEWTNTMERGDLLIPIPRLRIKG
ANPKDLAVQWAEKFPCGDFLEKVEANGPFIQFFFNPQFLAKLVIPDILTRKEDYGSCKLVENKKVIIEFSSPNIAKPFHA
GHLRSTIIGGFLANLYEKLGWEVIRMNYLGDWGKQFGLLAVGFERYGNEEALVKDPIHHLFDVYVRINKDIEEEGDSIPL
EQSTNGKAREYFKRMEDGDEEALKIWKRFREFSIEKYIDTYARLNIKYDVYSGESQVSKESMLKAIDLFKEKGLTHEDKG
AVLIDLTKFNKKLGKAIVQKSDGTTLYLTRDVGAAMDRYEKYHFDKMIYVIASQQDLHAAQFFEILKQMGFEWAKDLQHV
NFGMVQGMSTRKGTVVFLDNILEETKEKMHEVMKKNENKYAQIEHPEEVADLVGISAVMIQDMQGKRINNYEFKWERMLS
FEGDTGPYLQYAHSRLRSVERNASGITQEKWINADFSLLKEPAAKLLIRLLGQYPDVLRNAIKTHEPTTVVTYLFKLTHQ
VSSCYDVLWVAGQTEELATARLALYGAARQVLYNGMRLLGLTPVERM
;
_entity_poly.pdbx_strand_id   A
#
# COMPACT_ATOMS: atom_id res chain seq x y z
N ALA A 5 -1.10 6.84 -27.23
CA ALA A 5 -0.45 5.94 -28.22
C ALA A 5 -1.27 4.67 -28.42
N ASN A 6 -2.45 4.63 -27.81
CA ASN A 6 -3.35 3.49 -27.93
C ASN A 6 -4.81 3.94 -27.89
N MET A 7 -5.17 4.69 -26.85
CA MET A 7 -6.55 5.16 -26.75
C MET A 7 -6.75 6.37 -27.66
N ILE A 8 -5.74 7.24 -27.73
CA ILE A 8 -5.81 8.43 -28.58
C ILE A 8 -5.75 8.01 -30.04
N SER A 9 -5.07 6.89 -30.29
CA SER A 9 -4.94 6.34 -31.64
C SER A 9 -6.31 5.82 -32.05
N GLN A 10 -6.96 5.14 -31.11
CA GLN A 10 -8.28 4.59 -31.35
C GLN A 10 -9.19 5.74 -31.73
N LEU A 11 -8.95 6.89 -31.10
CA LEU A 11 -9.72 8.10 -31.33
C LEU A 11 -9.56 8.56 -32.78
N LYS A 12 -8.35 8.40 -33.31
CA LYS A 12 -8.05 8.78 -34.69
C LYS A 12 -8.86 7.87 -35.60
N LYS A 13 -8.73 6.55 -35.39
CA LYS A 13 -9.46 5.56 -36.17
C LYS A 13 -10.95 5.90 -36.21
N LEU A 14 -11.55 6.02 -35.03
CA LEU A 14 -12.97 6.33 -34.91
C LEU A 14 -13.29 7.70 -35.46
N SER A 15 -12.24 8.46 -35.79
CA SER A 15 -12.39 9.79 -36.35
C SER A 15 -13.13 10.71 -35.38
N ILE A 16 -12.55 10.88 -34.20
CA ILE A 16 -13.13 11.73 -33.17
C ILE A 16 -12.09 12.73 -32.68
N ALA A 17 -12.45 14.00 -32.67
CA ALA A 17 -11.53 15.03 -32.21
C ALA A 17 -11.17 14.83 -30.74
N GLU A 18 -9.92 15.05 -30.39
CA GLU A 18 -9.51 14.90 -28.99
C GLU A 18 -9.71 16.23 -28.27
N PRO A 19 -10.44 16.22 -27.15
CA PRO A 19 -10.66 17.48 -26.43
C PRO A 19 -9.34 18.06 -25.96
N ALA A 20 -9.33 19.35 -25.68
CA ALA A 20 -8.11 20.00 -25.22
C ALA A 20 -7.59 19.25 -24.01
N VAL A 21 -6.28 19.03 -23.98
CA VAL A 21 -5.65 18.30 -22.90
C VAL A 21 -5.22 19.17 -21.72
N ALA A 22 -5.90 19.01 -20.59
CA ALA A 22 -5.55 19.78 -19.41
C ALA A 22 -4.15 19.37 -18.98
N LYS A 23 -3.42 20.29 -18.37
CA LYS A 23 -2.06 20.01 -17.92
C LYS A 23 -2.05 18.94 -16.85
N ASP A 24 -1.26 17.90 -17.09
CA ASP A 24 -1.10 16.79 -16.15
C ASP A 24 -2.19 15.72 -16.21
N SER A 25 -3.22 15.90 -17.03
CA SER A 25 -4.26 14.88 -17.14
C SER A 25 -3.63 13.81 -18.03
N HIS A 26 -4.16 12.59 -18.01
CA HIS A 26 -3.61 11.54 -18.85
C HIS A 26 -4.67 10.76 -19.59
N PRO A 27 -5.35 11.41 -20.55
CA PRO A 27 -6.41 10.80 -21.36
C PRO A 27 -5.96 9.58 -22.17
N ASP A 28 -4.65 9.40 -22.31
CA ASP A 28 -4.13 8.28 -23.08
C ASP A 28 -4.23 6.95 -22.34
N VAL A 29 -4.10 6.99 -21.02
CA VAL A 29 -4.15 5.78 -20.20
C VAL A 29 -5.27 5.74 -19.15
N ASN A 30 -6.08 6.79 -19.14
CA ASN A 30 -7.19 6.93 -18.20
C ASN A 30 -8.36 7.55 -18.95
N ILE A 31 -9.34 6.73 -19.33
CA ILE A 31 -10.47 7.25 -20.07
C ILE A 31 -11.29 8.28 -19.30
N VAL A 32 -11.15 8.29 -17.98
CA VAL A 32 -11.88 9.24 -17.15
C VAL A 32 -11.22 10.63 -17.26
N ASP A 33 -9.94 10.66 -17.64
CA ASP A 33 -9.24 11.93 -17.82
C ASP A 33 -9.65 12.48 -19.18
N LEU A 34 -9.83 11.56 -20.12
CA LEU A 34 -10.26 11.91 -21.46
C LEU A 34 -11.62 12.54 -21.30
N MET A 35 -12.48 11.82 -20.61
CA MET A 35 -13.84 12.27 -20.34
C MET A 35 -13.82 13.60 -19.56
N ARG A 36 -12.87 13.76 -18.65
CA ARG A 36 -12.76 14.99 -17.91
C ARG A 36 -12.37 16.14 -18.84
N ASN A 37 -11.46 15.88 -19.77
CA ASN A 37 -11.05 16.92 -20.71
C ASN A 37 -12.20 17.38 -21.59
N TYR A 38 -13.02 16.43 -22.02
CA TYR A 38 -14.15 16.72 -22.88
C TYR A 38 -15.19 17.57 -22.15
N ILE A 39 -15.52 17.17 -20.93
CA ILE A 39 -16.51 17.89 -20.12
C ILE A 39 -16.08 19.31 -19.75
N SER A 40 -14.84 19.47 -19.33
CA SER A 40 -14.34 20.78 -18.94
C SER A 40 -14.40 21.75 -20.11
N GLN A 41 -13.87 21.33 -21.26
CA GLN A 41 -13.83 22.14 -22.47
C GLN A 41 -15.20 22.56 -22.96
N GLU A 42 -16.14 21.61 -22.93
CA GLU A 42 -17.49 21.88 -23.38
C GLU A 42 -18.31 22.61 -22.34
N LEU A 43 -18.16 22.25 -21.07
CA LEU A 43 -18.92 22.95 -20.05
C LEU A 43 -18.35 24.37 -19.91
N SER A 44 -17.06 24.52 -20.18
CA SER A 44 -16.44 25.83 -20.10
C SER A 44 -17.05 26.81 -21.08
N LYS A 45 -17.34 26.34 -22.30
CA LYS A 45 -17.94 27.17 -23.34
C LYS A 45 -19.35 27.66 -22.97
N ILE A 46 -20.19 26.77 -22.46
CA ILE A 46 -21.55 27.13 -22.07
C ILE A 46 -21.52 28.15 -20.93
N SER A 47 -20.68 27.89 -19.93
CA SER A 47 -20.55 28.79 -18.79
C SER A 47 -19.40 29.74 -19.05
N GLY A 48 -19.13 30.64 -18.11
CA GLY A 48 -18.02 31.55 -18.32
C GLY A 48 -16.84 31.11 -17.48
N VAL A 49 -16.88 29.83 -17.10
CA VAL A 49 -15.86 29.25 -16.27
C VAL A 49 -14.77 28.56 -17.08
N ASP A 50 -13.53 28.93 -16.78
CA ASP A 50 -12.39 28.36 -17.46
C ASP A 50 -12.35 26.87 -17.11
N SER A 51 -11.90 26.03 -18.03
CA SER A 51 -11.85 24.61 -17.76
C SER A 51 -10.84 24.25 -16.67
N SER A 52 -9.87 25.13 -16.43
CA SER A 52 -8.88 24.85 -15.40
C SER A 52 -9.57 24.73 -14.02
N LEU A 53 -10.78 25.26 -13.90
CA LEU A 53 -11.54 25.20 -12.67
C LEU A 53 -12.50 24.02 -12.65
N ILE A 54 -13.08 23.73 -13.81
CA ILE A 54 -14.03 22.65 -13.95
C ILE A 54 -13.37 21.27 -13.79
N PHE A 55 -12.27 21.06 -14.52
CA PHE A 55 -11.53 19.80 -14.49
C PHE A 55 -11.40 19.27 -13.07
N PRO A 56 -10.76 20.04 -12.17
CA PRO A 56 -10.60 19.61 -10.77
C PRO A 56 -11.93 19.53 -10.01
N ALA A 57 -12.91 20.30 -10.49
CA ALA A 57 -14.23 20.36 -9.87
C ALA A 57 -15.09 19.10 -10.12
N LEU A 58 -14.76 18.35 -11.17
CA LEU A 58 -15.52 17.15 -11.49
C LEU A 58 -15.24 16.10 -10.41
N GLU A 59 -16.30 15.53 -9.84
CA GLU A 59 -16.14 14.52 -8.79
C GLU A 59 -16.77 13.17 -9.15
N TRP A 60 -16.38 12.13 -8.43
CA TRP A 60 -16.96 10.80 -8.64
C TRP A 60 -18.38 10.87 -8.12
N THR A 61 -19.20 9.88 -8.47
CA THR A 61 -20.58 9.84 -8.00
C THR A 61 -20.72 8.73 -6.97
N ASN A 62 -21.51 8.98 -5.93
CA ASN A 62 -21.73 7.99 -4.87
C ASN A 62 -22.16 6.63 -5.44
N THR A 63 -23.06 6.67 -6.42
CA THR A 63 -23.54 5.45 -7.05
C THR A 63 -23.52 5.63 -8.56
N MET A 64 -23.48 4.53 -9.30
CA MET A 64 -23.45 4.64 -10.75
C MET A 64 -24.77 5.13 -11.32
N GLU A 65 -25.78 5.17 -10.46
CA GLU A 65 -27.11 5.61 -10.86
C GLU A 65 -27.15 7.13 -10.97
N ARG A 66 -26.18 7.81 -10.36
CA ARG A 66 -26.14 9.26 -10.41
C ARG A 66 -25.13 9.77 -11.45
N GLY A 67 -24.71 8.87 -12.33
CA GLY A 67 -23.76 9.24 -13.37
C GLY A 67 -22.37 8.66 -13.19
N ASP A 68 -21.40 9.24 -13.89
CA ASP A 68 -20.01 8.78 -13.79
C ASP A 68 -19.14 9.81 -13.10
N LEU A 69 -19.50 11.07 -13.31
CA LEU A 69 -18.78 12.20 -12.75
C LEU A 69 -19.82 13.30 -12.62
N LEU A 70 -19.69 14.12 -11.58
CA LEU A 70 -20.62 15.22 -11.42
C LEU A 70 -19.88 16.45 -10.89
N ILE A 71 -20.58 17.58 -10.87
CA ILE A 71 -20.00 18.80 -10.39
C ILE A 71 -20.94 19.55 -9.47
N PRO A 72 -20.52 19.80 -8.22
CA PRO A 72 -21.44 20.54 -7.36
C PRO A 72 -21.20 21.97 -7.87
N ILE A 73 -22.15 22.48 -8.63
CA ILE A 73 -22.02 23.80 -9.22
C ILE A 73 -21.48 24.90 -8.29
N PRO A 74 -22.00 24.99 -7.06
CA PRO A 74 -21.48 26.04 -6.17
C PRO A 74 -19.95 26.03 -6.03
N ARG A 75 -19.35 24.85 -6.18
CA ARG A 75 -17.90 24.73 -6.09
C ARG A 75 -17.22 25.50 -7.20
N LEU A 76 -17.96 25.75 -8.28
CA LEU A 76 -17.41 26.51 -9.40
C LEU A 76 -17.30 27.99 -9.04
N ARG A 77 -17.94 28.35 -7.93
CA ARG A 77 -17.93 29.72 -7.44
C ARG A 77 -18.26 30.72 -8.54
N ILE A 78 -19.50 30.71 -8.99
CA ILE A 78 -19.95 31.64 -10.01
C ILE A 78 -20.80 32.70 -9.32
N LYS A 79 -20.39 33.96 -9.46
CA LYS A 79 -21.10 35.08 -8.85
C LYS A 79 -22.60 35.18 -9.16
N GLY A 80 -23.37 35.42 -8.11
CA GLY A 80 -24.81 35.60 -8.22
C GLY A 80 -25.66 34.72 -9.10
N ALA A 81 -25.33 33.43 -9.19
CA ALA A 81 -26.12 32.53 -10.04
C ALA A 81 -26.84 31.48 -9.21
N ASN A 82 -28.00 31.04 -9.70
CA ASN A 82 -28.75 30.01 -8.99
C ASN A 82 -28.31 28.64 -9.49
N PRO A 83 -27.48 27.94 -8.69
CA PRO A 83 -26.99 26.61 -9.05
C PRO A 83 -28.07 25.67 -9.56
N LYS A 84 -29.21 25.62 -8.87
CA LYS A 84 -30.32 24.77 -9.28
C LYS A 84 -30.69 25.09 -10.72
N ASP A 85 -30.75 26.37 -11.03
CA ASP A 85 -31.08 26.86 -12.37
C ASP A 85 -30.05 26.48 -13.42
N LEU A 86 -28.79 26.83 -13.16
CA LEU A 86 -27.70 26.52 -14.08
C LEU A 86 -27.69 25.05 -14.45
N ALA A 87 -27.75 24.19 -13.44
CA ALA A 87 -27.74 22.74 -13.67
C ALA A 87 -28.79 22.36 -14.71
N VAL A 88 -30.03 22.80 -14.49
CA VAL A 88 -31.10 22.52 -15.42
C VAL A 88 -30.74 23.09 -16.79
N GLN A 89 -30.23 24.31 -16.78
CA GLN A 89 -29.84 24.98 -18.00
C GLN A 89 -28.71 24.24 -18.74
N TRP A 90 -27.57 24.05 -18.08
CA TRP A 90 -26.46 23.35 -18.72
C TRP A 90 -26.86 21.95 -19.20
N ALA A 91 -27.46 21.16 -18.31
CA ALA A 91 -27.88 19.80 -18.65
C ALA A 91 -28.71 19.78 -19.92
N GLU A 92 -29.22 20.95 -20.28
CA GLU A 92 -30.05 21.09 -21.46
C GLU A 92 -29.21 21.28 -22.71
N LYS A 93 -28.61 22.46 -22.84
CA LYS A 93 -27.81 22.76 -24.03
C LYS A 93 -26.37 22.23 -23.99
N PHE A 94 -26.16 21.10 -23.31
CA PHE A 94 -24.81 20.51 -23.23
C PHE A 94 -24.63 19.42 -24.29
N PRO A 95 -23.60 19.54 -25.11
CA PRO A 95 -23.32 18.56 -26.18
C PRO A 95 -22.72 17.22 -25.75
N CYS A 96 -23.55 16.18 -25.80
CA CYS A 96 -23.09 14.85 -25.45
C CYS A 96 -22.20 14.35 -26.57
N GLY A 97 -22.64 14.64 -27.79
CA GLY A 97 -21.97 14.23 -29.00
C GLY A 97 -20.81 13.25 -28.92
N ASP A 98 -21.11 11.96 -29.06
CA ASP A 98 -20.05 10.94 -29.08
C ASP A 98 -19.37 10.55 -27.78
N PHE A 99 -19.42 11.40 -26.76
CA PHE A 99 -18.77 11.11 -25.49
C PHE A 99 -19.68 10.69 -24.35
N LEU A 100 -20.77 11.41 -24.15
CA LEU A 100 -21.70 11.12 -23.07
C LEU A 100 -23.00 10.53 -23.57
N GLU A 101 -23.68 9.80 -22.68
CA GLU A 101 -24.98 9.22 -23.00
C GLU A 101 -26.01 10.32 -22.70
N LYS A 102 -25.82 10.99 -21.57
CA LYS A 102 -26.72 12.07 -21.18
C LYS A 102 -26.14 12.89 -20.05
N VAL A 103 -26.73 14.07 -19.84
CA VAL A 103 -26.30 14.97 -18.78
C VAL A 103 -27.58 15.33 -18.04
N GLU A 104 -27.59 15.22 -16.72
CA GLU A 104 -28.79 15.55 -15.95
C GLU A 104 -28.56 16.54 -14.83
N ALA A 105 -29.67 17.08 -14.33
CA ALA A 105 -29.64 18.05 -13.25
C ALA A 105 -30.31 17.45 -12.01
N ASN A 106 -29.66 17.64 -10.86
CA ASN A 106 -30.19 17.16 -9.59
C ASN A 106 -29.85 18.24 -8.58
N GLY A 107 -30.80 19.13 -8.35
CA GLY A 107 -30.59 20.22 -7.42
C GLY A 107 -29.48 21.14 -7.92
N PRO A 108 -28.46 21.36 -7.09
CA PRO A 108 -27.32 22.23 -7.40
C PRO A 108 -26.21 21.43 -8.07
N PHE A 109 -26.51 20.18 -8.42
CA PHE A 109 -25.53 19.32 -9.06
C PHE A 109 -25.89 19.05 -10.52
N ILE A 110 -24.87 18.86 -11.34
CA ILE A 110 -25.10 18.49 -12.73
C ILE A 110 -24.37 17.17 -12.83
N GLN A 111 -25.00 16.17 -13.43
CA GLN A 111 -24.39 14.85 -13.52
C GLN A 111 -24.12 14.39 -14.95
N PHE A 112 -22.94 13.83 -15.16
CA PHE A 112 -22.53 13.37 -16.48
C PHE A 112 -22.49 11.85 -16.59
N PHE A 113 -23.05 11.34 -17.67
CA PHE A 113 -23.08 9.90 -17.95
C PHE A 113 -22.29 9.59 -19.21
N PHE A 114 -21.23 8.80 -19.07
CA PHE A 114 -20.39 8.44 -20.21
C PHE A 114 -21.17 7.59 -21.22
N ASN A 115 -20.67 7.55 -22.45
CA ASN A 115 -21.27 6.78 -23.51
C ASN A 115 -20.72 5.37 -23.34
N PRO A 116 -21.57 4.42 -22.90
CA PRO A 116 -21.12 3.04 -22.70
C PRO A 116 -20.47 2.40 -23.91
N GLN A 117 -21.01 2.64 -25.09
CA GLN A 117 -20.42 2.07 -26.30
C GLN A 117 -19.10 2.73 -26.64
N PHE A 118 -18.99 4.03 -26.38
CA PHE A 118 -17.75 4.75 -26.63
C PHE A 118 -16.70 4.14 -25.70
N LEU A 119 -17.05 3.99 -24.43
CA LEU A 119 -16.14 3.41 -23.44
C LEU A 119 -15.64 2.06 -23.87
N ALA A 120 -16.57 1.17 -24.20
CA ALA A 120 -16.24 -0.18 -24.63
C ALA A 120 -15.18 -0.18 -25.73
N LYS A 121 -15.44 0.59 -26.78
CA LYS A 121 -14.52 0.69 -27.92
C LYS A 121 -13.10 1.07 -27.53
N LEU A 122 -12.95 1.84 -26.46
CA LEU A 122 -11.61 2.23 -26.04
C LEU A 122 -11.08 1.39 -24.87
N VAL A 123 -11.90 1.27 -23.82
CA VAL A 123 -11.54 0.54 -22.61
C VAL A 123 -11.22 -0.95 -22.74
N ILE A 124 -12.11 -1.74 -23.34
CA ILE A 124 -11.83 -3.17 -23.47
C ILE A 124 -10.56 -3.41 -24.28
N PRO A 125 -10.39 -2.72 -25.43
CA PRO A 125 -9.19 -2.92 -26.25
C PRO A 125 -7.93 -2.53 -25.49
N ASP A 126 -8.01 -1.43 -24.75
CA ASP A 126 -6.87 -0.94 -23.98
C ASP A 126 -6.45 -1.90 -22.85
N ILE A 127 -7.42 -2.45 -22.15
CA ILE A 127 -7.14 -3.38 -21.06
C ILE A 127 -6.46 -4.63 -21.61
N LEU A 128 -7.08 -5.21 -22.63
CA LEU A 128 -6.52 -6.42 -23.22
C LEU A 128 -5.16 -6.18 -23.84
N THR A 129 -4.92 -4.96 -24.31
CA THR A 129 -3.64 -4.64 -24.91
C THR A 129 -2.54 -4.46 -23.88
N ARG A 130 -2.67 -3.46 -23.02
CA ARG A 130 -1.66 -3.18 -22.01
C ARG A 130 -1.65 -4.19 -20.87
N LYS A 131 -2.67 -5.04 -20.81
CA LYS A 131 -2.78 -6.05 -19.77
C LYS A 131 -2.42 -5.60 -18.35
N GLU A 132 -1.31 -6.13 -17.84
CA GLU A 132 -0.87 -5.82 -16.49
C GLU A 132 -0.47 -4.38 -16.22
N ASP A 133 -0.40 -3.58 -17.28
CA ASP A 133 -0.04 -2.18 -17.14
C ASP A 133 -1.28 -1.30 -17.20
N TYR A 134 -2.44 -1.90 -17.42
CA TYR A 134 -3.66 -1.13 -17.52
C TYR A 134 -3.80 0.01 -16.52
N GLY A 135 -3.81 -0.30 -15.23
CA GLY A 135 -3.97 0.79 -14.29
C GLY A 135 -2.82 1.80 -14.24
N SER A 136 -1.71 1.47 -14.90
CA SER A 136 -0.54 2.31 -14.90
C SER A 136 -0.72 3.69 -15.54
N CYS A 137 0.18 4.59 -15.17
CA CYS A 137 0.18 5.97 -15.67
C CYS A 137 1.48 6.64 -15.22
N LYS A 138 1.96 7.61 -15.97
CA LYS A 138 3.18 8.32 -15.61
C LYS A 138 2.85 9.71 -15.07
N LEU A 139 2.20 9.77 -13.92
CA LEU A 139 1.86 11.07 -13.36
C LEU A 139 3.08 11.68 -12.70
N VAL A 140 4.23 11.04 -12.93
CA VAL A 140 5.49 11.46 -12.36
C VAL A 140 6.66 11.11 -13.29
N GLU A 141 7.62 12.04 -13.40
CA GLU A 141 8.80 11.86 -14.24
C GLU A 141 10.09 12.02 -13.42
N ASN A 142 10.92 10.98 -13.44
CA ASN A 142 12.19 10.98 -12.70
C ASN A 142 12.03 11.44 -11.26
N LYS A 143 11.26 10.70 -10.50
CA LYS A 143 11.03 10.99 -9.10
C LYS A 143 11.34 9.72 -8.32
N LYS A 144 12.04 9.88 -7.21
CA LYS A 144 12.43 8.74 -6.39
C LYS A 144 11.84 8.85 -4.99
N VAL A 145 11.31 7.74 -4.49
CA VAL A 145 10.73 7.72 -3.17
C VAL A 145 11.23 6.53 -2.38
N ILE A 146 11.47 6.75 -1.09
CA ILE A 146 11.91 5.68 -0.22
C ILE A 146 10.72 5.36 0.65
N ILE A 147 10.35 4.09 0.68
CA ILE A 147 9.23 3.65 1.49
C ILE A 147 9.76 2.65 2.53
N GLU A 148 9.79 3.09 3.77
CA GLU A 148 10.28 2.25 4.86
C GLU A 148 9.08 1.63 5.57
N PHE A 149 9.05 0.29 5.64
CA PHE A 149 7.94 -0.38 6.31
C PHE A 149 8.29 -1.72 6.93
N SER A 150 7.38 -2.20 7.79
CA SER A 150 7.52 -3.44 8.54
C SER A 150 8.49 -3.20 9.70
N SER A 151 9.77 -3.04 9.37
CA SER A 151 10.84 -2.75 10.34
C SER A 151 10.73 -3.40 11.72
N PRO A 152 10.84 -4.74 11.79
CA PRO A 152 10.76 -5.41 13.08
C PRO A 152 12.05 -5.26 13.87
N ASN A 153 12.04 -5.75 15.11
CA ASN A 153 13.24 -5.70 15.95
C ASN A 153 13.74 -7.13 16.02
N ILE A 154 15.05 -7.32 15.93
CA ILE A 154 15.58 -8.67 15.98
C ILE A 154 15.48 -9.23 17.39
N ALA A 155 15.12 -10.50 17.48
CA ALA A 155 14.97 -11.20 18.77
C ALA A 155 13.79 -10.72 19.60
N LYS A 156 13.14 -9.65 19.17
CA LYS A 156 11.98 -9.16 19.89
C LYS A 156 10.75 -9.53 19.07
N PRO A 157 9.56 -9.47 19.67
CA PRO A 157 8.30 -9.80 19.00
C PRO A 157 7.97 -9.00 17.75
N PHE A 158 7.54 -9.72 16.72
CA PHE A 158 7.10 -9.12 15.47
C PHE A 158 5.60 -9.02 15.76
N HIS A 159 5.15 -7.89 16.29
CA HIS A 159 3.74 -7.73 16.66
C HIS A 159 2.81 -7.26 15.54
N ALA A 160 1.54 -7.10 15.86
CA ALA A 160 0.54 -6.66 14.90
C ALA A 160 0.94 -5.35 14.24
N GLY A 161 1.65 -4.50 15.00
CA GLY A 161 2.07 -3.23 14.46
C GLY A 161 2.94 -3.43 13.24
N HIS A 162 3.94 -4.31 13.37
CA HIS A 162 4.85 -4.60 12.28
C HIS A 162 4.08 -5.19 11.10
N LEU A 163 3.17 -6.11 11.39
CA LEU A 163 2.38 -6.73 10.32
C LEU A 163 1.66 -5.68 9.52
N ARG A 164 0.89 -4.85 10.21
CA ARG A 164 0.11 -3.79 9.59
C ARG A 164 1.02 -2.90 8.75
N SER A 165 2.13 -2.49 9.32
CA SER A 165 3.07 -1.66 8.59
C SER A 165 3.54 -2.44 7.35
N THR A 166 3.75 -3.74 7.51
CA THR A 166 4.21 -4.57 6.40
C THR A 166 3.22 -4.59 5.24
N ILE A 167 1.93 -4.70 5.55
CA ILE A 167 0.92 -4.78 4.50
C ILE A 167 0.72 -3.44 3.79
N ILE A 168 0.53 -2.38 4.55
CA ILE A 168 0.33 -1.05 3.97
C ILE A 168 1.50 -0.69 3.07
N GLY A 169 2.71 -0.82 3.62
CA GLY A 169 3.92 -0.51 2.90
C GLY A 169 4.09 -1.25 1.59
N GLY A 170 3.88 -2.55 1.63
CA GLY A 170 4.01 -3.33 0.41
C GLY A 170 3.13 -2.77 -0.70
N PHE A 171 1.90 -2.40 -0.33
CA PHE A 171 0.92 -1.84 -1.27
C PHE A 171 1.34 -0.46 -1.73
N LEU A 172 1.73 0.39 -0.79
CA LEU A 172 2.15 1.73 -1.17
C LEU A 172 3.28 1.67 -2.19
N ALA A 173 4.18 0.72 -2.01
CA ALA A 173 5.30 0.56 -2.94
C ALA A 173 4.81 0.18 -4.34
N ASN A 174 3.90 -0.80 -4.42
CA ASN A 174 3.36 -1.21 -5.71
C ASN A 174 2.60 -0.05 -6.35
N LEU A 175 1.82 0.65 -5.54
CA LEU A 175 1.03 1.77 -6.02
C LEU A 175 1.94 2.82 -6.60
N TYR A 176 2.92 3.22 -5.82
CA TYR A 176 3.85 4.25 -6.26
C TYR A 176 4.56 3.89 -7.56
N GLU A 177 4.77 2.60 -7.81
CA GLU A 177 5.44 2.20 -9.04
C GLU A 177 4.53 2.31 -10.27
N LYS A 178 3.33 1.73 -10.20
CA LYS A 178 2.37 1.79 -11.30
C LYS A 178 2.03 3.24 -11.62
N LEU A 179 2.47 4.15 -10.76
CA LEU A 179 2.22 5.56 -10.98
C LEU A 179 3.47 6.33 -11.41
N GLY A 180 4.49 5.59 -11.84
CA GLY A 180 5.70 6.23 -12.34
C GLY A 180 6.92 6.46 -11.46
N TRP A 181 6.78 6.32 -10.15
CA TRP A 181 7.91 6.55 -9.26
C TRP A 181 8.96 5.44 -9.24
N GLU A 182 10.16 5.82 -8.80
CA GLU A 182 11.26 4.87 -8.65
C GLU A 182 11.16 4.59 -7.15
N VAL A 183 10.96 3.33 -6.80
CA VAL A 183 10.77 2.98 -5.41
C VAL A 183 11.90 2.21 -4.75
N ILE A 184 12.34 2.72 -3.60
CA ILE A 184 13.37 2.06 -2.82
C ILE A 184 12.60 1.53 -1.63
N ARG A 185 12.38 0.22 -1.59
CA ARG A 185 11.65 -0.40 -0.49
C ARG A 185 12.69 -0.71 0.59
N MET A 186 12.62 0.04 1.69
CA MET A 186 13.58 -0.12 2.78
C MET A 186 12.97 -0.70 4.07
N ASN A 187 13.71 -1.61 4.70
CA ASN A 187 13.28 -2.23 5.95
C ASN A 187 14.26 -1.78 7.04
N TYR A 188 13.82 -0.84 7.87
CA TYR A 188 14.63 -0.28 8.95
C TYR A 188 14.65 -1.18 10.20
N LEU A 189 15.36 -2.29 10.12
CA LEU A 189 15.45 -3.23 11.23
C LEU A 189 15.89 -2.65 12.57
N GLY A 190 15.26 -3.12 13.63
CA GLY A 190 15.63 -2.67 14.97
C GLY A 190 16.72 -3.64 15.37
N ASP A 191 17.96 -3.30 15.08
CA ASP A 191 19.08 -4.19 15.36
C ASP A 191 20.30 -3.56 16.02
N TRP A 192 20.09 -2.76 17.05
CA TRP A 192 21.20 -2.12 17.74
C TRP A 192 20.76 -1.78 19.15
N GLY A 193 21.66 -1.21 19.95
CA GLY A 193 21.33 -0.87 21.31
C GLY A 193 21.90 -1.85 22.32
N LYS A 194 21.94 -1.44 23.59
CA LYS A 194 22.47 -2.27 24.66
C LYS A 194 21.90 -3.69 24.62
N GLN A 195 20.66 -3.80 24.16
CA GLN A 195 19.95 -5.07 24.07
C GLN A 195 20.70 -6.13 23.27
N PHE A 196 21.54 -5.71 22.33
CA PHE A 196 22.26 -6.71 21.55
C PHE A 196 23.49 -7.25 22.24
N GLY A 197 24.11 -6.44 23.09
CA GLY A 197 25.25 -6.92 23.83
C GLY A 197 24.69 -8.04 24.69
N LEU A 198 23.55 -7.75 25.31
CA LEU A 198 22.87 -8.72 26.15
C LEU A 198 22.62 -9.97 25.32
N LEU A 199 22.08 -9.76 24.12
CA LEU A 199 21.79 -10.86 23.22
C LEU A 199 23.07 -11.66 22.98
N ALA A 200 24.16 -10.95 22.67
CA ALA A 200 25.43 -11.61 22.41
C ALA A 200 25.83 -12.47 23.61
N VAL A 201 25.69 -11.91 24.80
CA VAL A 201 26.02 -12.60 26.05
C VAL A 201 25.11 -13.81 26.23
N GLY A 202 23.86 -13.66 25.80
CA GLY A 202 22.90 -14.74 25.92
C GLY A 202 23.16 -15.86 24.94
N PHE A 203 23.51 -15.51 23.70
CA PHE A 203 23.77 -16.54 22.71
C PHE A 203 24.95 -17.37 23.18
N GLU A 204 25.90 -16.72 23.85
CA GLU A 204 27.07 -17.41 24.37
C GLU A 204 26.64 -18.46 25.39
N ARG A 205 25.92 -18.01 26.40
CA ARG A 205 25.45 -18.83 27.50
C ARG A 205 24.40 -19.90 27.17
N TYR A 206 23.50 -19.62 26.22
CA TYR A 206 22.48 -20.60 25.90
C TYR A 206 22.32 -20.86 24.41
N GLY A 207 22.99 -20.04 23.60
CA GLY A 207 22.90 -20.19 22.16
C GLY A 207 23.53 -21.43 21.56
N ASN A 208 23.06 -21.79 20.38
CA ASN A 208 23.55 -22.93 19.64
C ASN A 208 23.78 -22.42 18.22
N GLU A 209 24.98 -22.64 17.70
CA GLU A 209 25.35 -22.17 16.36
C GLU A 209 24.48 -22.80 15.26
N GLU A 210 24.06 -24.04 15.46
CA GLU A 210 23.24 -24.73 14.48
C GLU A 210 21.80 -24.24 14.49
N ALA A 211 21.29 -23.93 15.68
CA ALA A 211 19.93 -23.44 15.81
C ALA A 211 19.85 -22.04 15.21
N LEU A 212 20.95 -21.30 15.28
CA LEU A 212 20.99 -19.96 14.74
C LEU A 212 20.76 -19.97 13.24
N VAL A 213 21.35 -20.92 12.54
CA VAL A 213 21.18 -20.97 11.10
C VAL A 213 19.87 -21.63 10.69
N LYS A 214 19.46 -22.67 11.42
CA LYS A 214 18.21 -23.35 11.08
C LYS A 214 17.03 -22.39 11.19
N ASP A 215 16.98 -21.67 12.31
CA ASP A 215 15.89 -20.72 12.56
C ASP A 215 16.41 -19.53 13.39
N PRO A 216 17.14 -18.62 12.75
CA PRO A 216 17.71 -17.42 13.38
C PRO A 216 16.74 -16.53 14.13
N ILE A 217 15.56 -16.31 13.54
CA ILE A 217 14.56 -15.46 14.15
C ILE A 217 13.94 -16.06 15.42
N HIS A 218 13.56 -17.34 15.38
CA HIS A 218 12.98 -17.96 16.56
C HIS A 218 14.05 -18.19 17.63
N HIS A 219 15.12 -18.88 17.26
CA HIS A 219 16.21 -19.18 18.19
C HIS A 219 16.71 -17.95 18.93
N LEU A 220 17.07 -16.90 18.20
CA LEU A 220 17.55 -15.69 18.86
C LEU A 220 16.53 -15.15 19.84
N PHE A 221 15.26 -15.23 19.46
CA PHE A 221 14.17 -14.77 20.31
C PHE A 221 14.20 -15.56 21.63
N ASP A 222 14.19 -16.89 21.51
CA ASP A 222 14.21 -17.75 22.70
C ASP A 222 15.45 -17.50 23.54
N VAL A 223 16.56 -17.21 22.86
CA VAL A 223 17.79 -16.93 23.58
C VAL A 223 17.62 -15.66 24.40
N TYR A 224 17.06 -14.62 23.78
CA TYR A 224 16.83 -13.34 24.45
C TYR A 224 15.96 -13.48 25.68
N VAL A 225 14.93 -14.30 25.57
CA VAL A 225 14.01 -14.54 26.67
C VAL A 225 14.72 -15.17 27.86
N ARG A 226 15.60 -16.13 27.57
CA ARG A 226 16.33 -16.83 28.63
C ARG A 226 17.35 -15.93 29.31
N ILE A 227 18.15 -15.20 28.52
CA ILE A 227 19.16 -14.35 29.10
C ILE A 227 18.55 -13.25 29.98
N ASN A 228 17.27 -12.96 29.77
CA ASN A 228 16.60 -11.95 30.57
C ASN A 228 16.24 -12.50 31.94
N LYS A 229 15.74 -13.73 32.00
CA LYS A 229 15.36 -14.33 33.27
C LYS A 229 16.57 -14.41 34.23
N ASP A 230 17.77 -14.38 33.66
CA ASP A 230 18.99 -14.40 34.47
C ASP A 230 19.15 -13.01 35.07
N ILE A 231 19.01 -11.99 34.22
CA ILE A 231 19.14 -10.60 34.66
C ILE A 231 18.24 -10.31 35.85
N GLU A 232 17.12 -11.00 35.94
CA GLU A 232 16.20 -10.78 37.03
C GLU A 232 16.62 -11.56 38.28
N GLU A 233 16.88 -12.85 38.12
CA GLU A 233 17.30 -13.69 39.23
C GLU A 233 18.55 -13.13 39.92
N GLU A 234 19.22 -12.20 39.26
CA GLU A 234 20.42 -11.56 39.82
C GLU A 234 20.05 -10.15 40.27
N GLY A 235 20.86 -9.18 39.87
CA GLY A 235 20.62 -7.78 40.20
C GLY A 235 20.98 -7.33 41.60
N ASP A 236 20.76 -8.20 42.59
CA ASP A 236 21.04 -7.88 43.99
C ASP A 236 22.54 -7.89 44.30
N SER A 237 22.91 -8.55 45.39
CA SER A 237 24.31 -8.63 45.82
C SER A 237 25.12 -9.60 44.96
N ILE A 238 25.26 -9.26 43.68
CA ILE A 238 26.03 -10.06 42.75
C ILE A 238 27.03 -9.12 42.07
N PRO A 239 28.33 -9.42 42.16
CA PRO A 239 29.35 -8.56 41.54
C PRO A 239 28.88 -7.99 40.20
N LEU A 240 28.54 -6.70 40.20
CA LEU A 240 28.05 -6.03 39.00
C LEU A 240 29.06 -5.93 37.85
N GLU A 241 29.79 -7.01 37.62
CA GLU A 241 30.77 -7.08 36.55
C GLU A 241 30.73 -8.50 35.99
N GLN A 242 30.54 -9.47 36.88
CA GLN A 242 30.43 -10.87 36.49
C GLN A 242 28.94 -11.14 36.33
N SER A 243 28.15 -10.09 36.54
CA SER A 243 26.70 -10.19 36.41
C SER A 243 26.34 -10.21 34.93
N THR A 244 25.11 -10.59 34.63
CA THR A 244 24.66 -10.65 33.25
C THR A 244 24.56 -9.24 32.66
N ASN A 245 23.86 -8.34 33.35
CA ASN A 245 23.73 -6.98 32.87
C ASN A 245 25.13 -6.43 32.58
N GLY A 246 26.09 -6.83 33.41
CA GLY A 246 27.46 -6.37 33.25
C GLY A 246 28.06 -6.74 31.91
N LYS A 247 28.17 -8.04 31.66
CA LYS A 247 28.73 -8.54 30.41
C LYS A 247 27.97 -8.02 29.20
N ALA A 248 26.71 -7.66 29.41
CA ALA A 248 25.88 -7.13 28.34
C ALA A 248 26.41 -5.75 27.96
N ARG A 249 26.42 -4.83 28.93
CA ARG A 249 26.90 -3.49 28.68
C ARG A 249 28.35 -3.52 28.20
N GLU A 250 29.06 -4.55 28.65
CA GLU A 250 30.46 -4.73 28.28
C GLU A 250 30.56 -5.23 26.84
N TYR A 251 29.84 -6.31 26.56
CA TYR A 251 29.87 -6.88 25.22
C TYR A 251 29.36 -5.87 24.20
N PHE A 252 28.50 -4.97 24.66
CA PHE A 252 27.97 -3.96 23.75
C PHE A 252 29.08 -3.01 23.35
N LYS A 253 30.07 -2.87 24.22
CA LYS A 253 31.22 -2.01 23.94
C LYS A 253 31.94 -2.57 22.71
N ARG A 254 31.35 -2.28 21.56
CA ARG A 254 31.84 -2.74 20.28
C ARG A 254 31.31 -1.70 19.31
N MET A 255 30.61 -0.71 19.87
CA MET A 255 30.06 0.38 19.07
C MET A 255 31.15 1.44 19.04
N GLU A 256 31.89 1.51 20.14
CA GLU A 256 32.99 2.47 20.27
C GLU A 256 34.19 1.85 19.56
N ASP A 257 34.44 0.58 19.85
CA ASP A 257 35.54 -0.14 19.24
C ASP A 257 35.02 -1.00 18.09
N GLY A 258 35.91 -1.76 17.45
CA GLY A 258 35.50 -2.59 16.34
C GLY A 258 35.48 -4.09 16.55
N ASP A 259 35.73 -4.82 15.47
CA ASP A 259 35.73 -6.28 15.44
C ASP A 259 35.66 -6.92 16.82
N GLU A 260 36.82 -7.26 17.37
CA GLU A 260 36.91 -7.90 18.67
C GLU A 260 35.92 -9.06 18.71
N GLU A 261 35.60 -9.60 17.53
CA GLU A 261 34.64 -10.69 17.41
C GLU A 261 33.28 -10.13 17.77
N ALA A 262 33.29 -9.11 18.62
CA ALA A 262 32.09 -8.44 19.10
C ALA A 262 31.13 -8.15 17.96
N LEU A 263 31.67 -8.01 16.75
CA LEU A 263 30.83 -7.74 15.61
C LEU A 263 30.60 -8.96 14.73
N LYS A 264 31.62 -9.82 14.63
CA LYS A 264 31.53 -11.05 13.83
C LYS A 264 30.27 -11.85 14.20
N ILE A 265 30.02 -11.94 15.49
CA ILE A 265 28.87 -12.67 16.03
C ILE A 265 27.57 -11.91 15.75
N TRP A 266 27.60 -10.61 15.93
CA TRP A 266 26.43 -9.78 15.70
C TRP A 266 26.08 -9.72 14.21
N LYS A 267 27.08 -9.48 13.37
CA LYS A 267 26.86 -9.41 11.93
C LYS A 267 26.24 -10.70 11.42
N ARG A 268 26.35 -11.78 12.18
CA ARG A 268 25.76 -13.05 11.76
C ARG A 268 24.32 -13.12 12.24
N PHE A 269 24.05 -12.53 13.40
CA PHE A 269 22.68 -12.51 13.91
C PHE A 269 21.88 -11.78 12.85
N ARG A 270 22.37 -10.60 12.48
CA ARG A 270 21.73 -9.77 11.48
C ARG A 270 21.60 -10.45 10.12
N GLU A 271 22.73 -10.83 9.51
CA GLU A 271 22.67 -11.46 8.19
C GLU A 271 21.87 -12.75 8.12
N PHE A 272 22.02 -13.64 9.09
CA PHE A 272 21.25 -14.87 9.05
C PHE A 272 19.77 -14.55 9.21
N SER A 273 19.47 -13.52 10.00
CA SER A 273 18.09 -13.10 10.22
C SER A 273 17.51 -12.60 8.90
N ILE A 274 18.21 -11.64 8.29
CA ILE A 274 17.78 -11.08 7.01
C ILE A 274 17.54 -12.16 5.94
N GLU A 275 18.37 -13.20 5.94
CA GLU A 275 18.23 -14.28 4.97
C GLU A 275 16.94 -15.05 5.15
N LYS A 276 16.49 -15.15 6.38
CA LYS A 276 15.25 -15.87 6.68
C LYS A 276 14.07 -14.97 6.30
N TYR A 277 14.11 -13.73 6.80
CA TYR A 277 13.05 -12.76 6.52
C TYR A 277 12.72 -12.68 5.02
N ILE A 278 13.77 -12.61 4.20
CA ILE A 278 13.62 -12.52 2.75
C ILE A 278 12.65 -13.54 2.18
N ASP A 279 12.72 -14.78 2.65
CA ASP A 279 11.80 -15.81 2.18
C ASP A 279 10.41 -15.53 2.68
N THR A 280 10.29 -15.16 3.95
CA THR A 280 9.01 -14.89 4.56
C THR A 280 8.31 -13.74 3.84
N TYR A 281 9.01 -12.63 3.65
CA TYR A 281 8.43 -11.49 2.95
C TYR A 281 7.98 -11.86 1.54
N ALA A 282 8.68 -12.82 0.93
CA ALA A 282 8.33 -13.26 -0.40
C ALA A 282 6.89 -13.78 -0.44
N ARG A 283 6.41 -14.30 0.69
CA ARG A 283 5.06 -14.82 0.75
C ARG A 283 4.06 -13.67 0.69
N LEU A 284 4.51 -12.47 1.05
CA LEU A 284 3.65 -11.29 1.01
C LEU A 284 3.99 -10.47 -0.23
N ASN A 285 4.69 -11.11 -1.18
CA ASN A 285 5.12 -10.47 -2.42
C ASN A 285 5.87 -9.18 -2.17
N ILE A 286 6.81 -9.24 -1.22
CA ILE A 286 7.64 -8.10 -0.88
C ILE A 286 9.09 -8.52 -0.95
N LYS A 287 9.88 -7.73 -1.66
CA LYS A 287 11.31 -7.97 -1.81
C LYS A 287 11.95 -6.64 -1.55
N TYR A 288 12.58 -6.50 -0.38
CA TYR A 288 13.22 -5.24 -0.03
C TYR A 288 14.48 -4.97 -0.86
N ASP A 289 14.75 -3.70 -1.10
CA ASP A 289 15.93 -3.29 -1.85
C ASP A 289 17.06 -3.16 -0.84
N VAL A 290 16.75 -2.50 0.27
CA VAL A 290 17.72 -2.27 1.31
C VAL A 290 17.23 -2.71 2.69
N TYR A 291 17.97 -3.59 3.34
CA TYR A 291 17.63 -3.99 4.69
C TYR A 291 18.47 -3.10 5.60
N SER A 292 18.08 -1.83 5.71
CA SER A 292 18.80 -0.88 6.54
C SER A 292 18.56 -1.21 8.02
N GLY A 293 18.80 -0.23 8.89
CA GLY A 293 18.59 -0.45 10.31
C GLY A 293 19.12 0.68 11.18
N GLU A 294 18.87 0.59 12.49
CA GLU A 294 19.33 1.60 13.43
C GLU A 294 20.84 1.51 13.59
N SER A 295 21.37 0.32 13.36
CA SER A 295 22.80 0.08 13.45
C SER A 295 23.51 0.69 12.24
N GLN A 296 22.86 0.62 11.09
CA GLN A 296 23.42 1.12 9.85
C GLN A 296 23.50 2.64 9.74
N VAL A 297 23.32 3.34 10.84
CA VAL A 297 23.41 4.80 10.78
C VAL A 297 24.88 5.18 10.78
N SER A 298 25.28 6.01 9.83
CA SER A 298 26.67 6.42 9.71
C SER A 298 27.13 7.23 10.91
N LYS A 299 28.33 6.89 11.40
CA LYS A 299 28.94 7.58 12.52
C LYS A 299 29.06 9.06 12.16
N GLU A 300 29.30 9.30 10.88
CA GLU A 300 29.44 10.64 10.33
C GLU A 300 28.20 11.51 10.58
N SER A 301 27.06 11.06 10.06
CA SER A 301 25.80 11.79 10.19
C SER A 301 25.35 11.89 11.64
N MET A 302 25.61 10.84 12.41
CA MET A 302 25.23 10.82 13.81
C MET A 302 25.91 11.97 14.55
N LEU A 303 27.21 12.12 14.30
CA LEU A 303 28.02 13.18 14.91
C LEU A 303 27.65 14.53 14.28
N LYS A 304 27.57 14.55 12.95
CA LYS A 304 27.23 15.75 12.22
C LYS A 304 25.90 16.31 12.72
N ALA A 305 25.01 15.40 13.11
CA ALA A 305 23.69 15.77 13.62
C ALA A 305 23.81 16.43 14.98
N ILE A 306 24.41 15.71 15.94
CA ILE A 306 24.58 16.24 17.29
C ILE A 306 25.28 17.59 17.18
N ASP A 307 26.11 17.70 16.16
CA ASP A 307 26.87 18.92 15.89
C ASP A 307 25.90 20.02 15.47
N LEU A 308 25.17 19.80 14.38
CA LEU A 308 24.24 20.80 13.88
C LEU A 308 23.19 21.24 14.90
N PHE A 309 22.89 20.38 15.88
CA PHE A 309 21.92 20.73 16.90
C PHE A 309 22.33 22.03 17.58
N LYS A 310 23.59 22.09 18.01
CA LYS A 310 24.10 23.27 18.68
C LYS A 310 24.34 24.42 17.71
N GLU A 311 24.89 24.10 16.53
CA GLU A 311 25.16 25.13 15.53
C GLU A 311 23.93 25.97 15.20
N LYS A 312 22.74 25.40 15.42
CA LYS A 312 21.50 26.10 15.13
C LYS A 312 20.87 26.65 16.41
N GLY A 313 21.31 26.11 17.54
CA GLY A 313 20.78 26.55 18.83
C GLY A 313 19.37 26.09 19.09
N LEU A 314 19.21 24.78 19.25
CA LEU A 314 17.91 24.16 19.51
C LEU A 314 18.00 23.44 20.84
N THR A 315 19.23 23.04 21.17
CA THR A 315 19.53 22.32 22.40
C THR A 315 19.37 23.14 23.67
N HIS A 316 19.11 22.45 24.77
CA HIS A 316 18.96 23.05 26.08
C HIS A 316 18.88 21.92 27.11
N GLU A 317 19.98 21.71 27.82
CA GLU A 317 20.06 20.65 28.82
C GLU A 317 19.04 20.77 29.95
N ASP A 318 18.69 19.60 30.51
CA ASP A 318 17.75 19.51 31.62
C ASP A 318 18.01 18.16 32.28
N LYS A 319 18.35 18.18 33.57
CA LYS A 319 18.64 16.96 34.31
C LYS A 319 19.83 16.23 33.71
N GLY A 320 20.69 16.97 33.00
CA GLY A 320 21.87 16.38 32.40
C GLY A 320 21.67 15.81 31.00
N ALA A 321 20.47 15.98 30.45
CA ALA A 321 20.17 15.46 29.13
C ALA A 321 19.90 16.58 28.14
N VAL A 322 20.28 16.34 26.88
CA VAL A 322 20.08 17.32 25.83
C VAL A 322 18.65 17.22 25.29
N LEU A 323 18.00 18.37 25.14
CA LEU A 323 16.64 18.42 24.64
C LEU A 323 16.44 19.50 23.59
N ILE A 324 15.36 19.39 22.82
CA ILE A 324 15.03 20.36 21.79
C ILE A 324 13.57 20.75 21.98
N ASP A 325 13.34 22.02 22.30
CA ASP A 325 12.00 22.53 22.54
C ASP A 325 11.27 22.90 21.25
N LEU A 326 10.57 21.94 20.67
CA LEU A 326 9.83 22.16 19.44
C LEU A 326 8.58 23.00 19.67
N THR A 327 8.25 23.22 20.94
CA THR A 327 7.07 24.00 21.33
C THR A 327 6.78 25.24 20.50
N LYS A 328 7.79 26.10 20.35
CA LYS A 328 7.63 27.34 19.60
C LYS A 328 7.27 27.16 18.11
N PHE A 329 7.41 25.94 17.61
CA PHE A 329 7.09 25.66 16.21
C PHE A 329 5.73 24.97 16.10
N ASN A 330 5.38 24.24 17.14
CA ASN A 330 4.11 23.54 17.20
C ASN A 330 3.90 23.06 18.62
N LYS A 331 3.08 23.79 19.36
CA LYS A 331 2.79 23.47 20.75
C LYS A 331 2.40 22.01 20.93
N LYS A 332 1.85 21.40 19.88
CA LYS A 332 1.43 20.01 19.91
C LYS A 332 2.60 19.07 20.19
N LEU A 333 3.78 19.45 19.70
CA LEU A 333 4.99 18.66 19.90
C LEU A 333 5.45 18.95 21.34
N GLY A 334 6.72 18.73 21.64
CA GLY A 334 7.18 19.01 22.99
C GLY A 334 8.68 19.13 23.08
N LYS A 335 9.20 19.03 24.30
CA LYS A 335 10.63 19.09 24.50
C LYS A 335 11.13 17.69 24.21
N ALA A 336 11.61 17.47 22.98
CA ALA A 336 12.10 16.17 22.58
C ALA A 336 13.52 15.92 23.06
N ILE A 337 13.76 14.76 23.66
CA ILE A 337 15.09 14.42 24.14
C ILE A 337 15.91 13.89 22.97
N VAL A 338 17.14 14.35 22.84
CA VAL A 338 18.00 13.91 21.74
C VAL A 338 19.28 13.26 22.27
N GLN A 339 19.54 13.43 23.56
CA GLN A 339 20.72 12.85 24.19
C GLN A 339 20.53 12.85 25.70
N LYS A 340 20.57 11.67 26.30
CA LYS A 340 20.38 11.54 27.74
C LYS A 340 21.67 11.69 28.54
N SER A 341 21.51 11.84 29.85
CA SER A 341 22.60 12.03 30.80
C SER A 341 23.92 11.31 30.50
N ASP A 342 23.90 9.98 30.49
CA ASP A 342 25.10 9.20 30.22
C ASP A 342 25.71 9.48 28.85
N GLY A 343 25.32 10.60 28.24
CA GLY A 343 25.83 10.96 26.94
C GLY A 343 25.73 9.85 25.91
N THR A 344 24.49 9.41 25.65
CA THR A 344 24.26 8.36 24.67
C THR A 344 23.10 8.77 23.78
N THR A 345 23.05 8.22 22.57
CA THR A 345 22.01 8.55 21.61
C THR A 345 20.67 7.82 21.84
N LEU A 346 19.59 8.41 21.33
CA LEU A 346 18.26 7.83 21.49
C LEU A 346 17.64 7.35 20.17
N TYR A 347 16.49 6.70 20.30
CA TYR A 347 15.73 6.18 19.15
C TYR A 347 15.43 7.32 18.18
N LEU A 348 15.01 8.45 18.74
CA LEU A 348 14.67 9.63 17.95
C LEU A 348 15.88 10.14 17.18
N THR A 349 17.04 10.15 17.84
CA THR A 349 18.28 10.63 17.24
C THR A 349 18.76 9.73 16.10
N ARG A 350 18.62 8.42 16.28
CA ARG A 350 19.04 7.49 15.24
C ARG A 350 18.21 7.72 13.98
N ASP A 351 16.99 8.22 14.17
CA ASP A 351 16.10 8.49 13.04
C ASP A 351 16.54 9.76 12.34
N VAL A 352 16.92 10.76 13.13
CA VAL A 352 17.41 12.03 12.58
C VAL A 352 18.62 11.70 11.72
N GLY A 353 19.52 10.90 12.27
CA GLY A 353 20.71 10.51 11.55
C GLY A 353 20.41 9.69 10.32
N ALA A 354 19.64 8.62 10.50
CA ALA A 354 19.27 7.74 9.40
C ALA A 354 18.73 8.54 8.22
N ALA A 355 17.94 9.58 8.50
CA ALA A 355 17.38 10.41 7.43
C ALA A 355 18.55 10.99 6.65
N MET A 356 19.40 11.72 7.37
CA MET A 356 20.58 12.36 6.81
C MET A 356 21.35 11.41 5.92
N ASP A 357 21.48 10.16 6.36
CA ASP A 357 22.17 9.13 5.59
C ASP A 357 21.42 8.87 4.29
N ARG A 358 20.17 8.44 4.43
CA ARG A 358 19.31 8.12 3.30
C ARG A 358 19.31 9.20 2.24
N TYR A 359 19.32 10.46 2.66
CA TYR A 359 19.30 11.54 1.69
C TYR A 359 20.56 11.62 0.85
N GLU A 360 21.72 11.72 1.48
CA GLU A 360 22.96 11.82 0.73
C GLU A 360 23.23 10.57 -0.10
N LYS A 361 22.63 9.46 0.32
CA LYS A 361 22.79 8.20 -0.38
C LYS A 361 21.89 8.09 -1.60
N TYR A 362 20.63 8.49 -1.45
CA TYR A 362 19.65 8.39 -2.53
C TYR A 362 19.15 9.71 -3.10
N HIS A 363 19.27 10.79 -2.33
CA HIS A 363 18.80 12.11 -2.77
C HIS A 363 17.36 12.03 -3.26
N PHE A 364 16.55 11.33 -2.46
CA PHE A 364 15.14 11.11 -2.74
C PHE A 364 14.32 12.40 -2.90
N ASP A 365 13.22 12.26 -3.63
CA ASP A 365 12.31 13.38 -3.86
C ASP A 365 11.22 13.32 -2.80
N LYS A 366 11.10 12.15 -2.17
CA LYS A 366 10.11 11.93 -1.13
C LYS A 366 10.46 10.66 -0.37
N MET A 367 10.19 10.66 0.93
CA MET A 367 10.44 9.49 1.74
C MET A 367 9.24 9.21 2.63
N ILE A 368 8.76 7.98 2.57
CA ILE A 368 7.59 7.59 3.35
C ILE A 368 7.92 6.58 4.43
N TYR A 369 7.53 6.93 5.65
CA TYR A 369 7.70 6.07 6.81
C TYR A 369 6.33 5.50 7.15
N VAL A 370 6.17 4.18 7.06
CA VAL A 370 4.91 3.54 7.41
C VAL A 370 5.10 2.99 8.82
N ILE A 371 4.70 3.79 9.80
CA ILE A 371 4.84 3.44 11.22
C ILE A 371 3.47 3.58 11.89
N ALA A 372 3.25 2.82 12.95
CA ALA A 372 1.98 2.88 13.68
C ALA A 372 1.72 4.28 14.21
N SER A 373 0.45 4.61 14.39
CA SER A 373 0.04 5.93 14.89
C SER A 373 0.44 6.10 16.35
N GLN A 374 0.94 5.02 16.94
CA GLN A 374 1.38 5.02 18.33
C GLN A 374 2.67 5.84 18.41
N GLN A 375 3.33 5.99 17.26
CA GLN A 375 4.57 6.75 17.19
C GLN A 375 4.43 8.09 16.47
N ASP A 376 3.20 8.60 16.41
CA ASP A 376 2.90 9.88 15.76
C ASP A 376 3.84 10.99 16.20
N LEU A 377 3.87 11.28 17.49
CA LEU A 377 4.74 12.32 18.04
C LEU A 377 6.20 12.06 17.67
N HIS A 378 6.63 10.79 17.79
CA HIS A 378 8.01 10.45 17.46
C HIS A 378 8.37 11.00 16.08
N ALA A 379 7.57 10.63 15.10
CA ALA A 379 7.79 11.05 13.72
C ALA A 379 7.70 12.57 13.60
N ALA A 380 6.57 13.13 14.07
CA ALA A 380 6.35 14.56 14.00
C ALA A 380 7.56 15.33 14.54
N GLN A 381 8.22 14.75 15.55
CA GLN A 381 9.37 15.38 16.16
C GLN A 381 10.61 15.39 15.29
N PHE A 382 11.15 14.21 14.98
CA PHE A 382 12.36 14.21 14.17
C PHE A 382 12.11 14.74 12.77
N PHE A 383 10.87 15.14 12.50
CA PHE A 383 10.53 15.73 11.20
C PHE A 383 10.75 17.23 11.38
N GLU A 384 10.33 17.74 12.54
CA GLU A 384 10.45 19.15 12.87
C GLU A 384 11.91 19.44 13.19
N ILE A 385 12.61 18.44 13.71
CA ILE A 385 14.00 18.65 14.04
C ILE A 385 14.79 18.76 12.74
N LEU A 386 14.69 17.75 11.88
CA LEU A 386 15.39 17.77 10.60
C LEU A 386 15.14 19.10 9.88
N LYS A 387 13.98 19.70 10.11
CA LYS A 387 13.63 20.97 9.50
C LYS A 387 14.50 22.10 10.06
N GLN A 388 14.52 22.23 11.38
CA GLN A 388 15.30 23.26 12.07
C GLN A 388 16.80 23.05 11.91
N MET A 389 17.18 21.85 11.50
CA MET A 389 18.59 21.57 11.28
C MET A 389 18.95 22.19 9.94
N GLY A 390 17.97 22.78 9.28
CA GLY A 390 18.21 23.41 8.00
C GLY A 390 17.84 22.55 6.80
N PHE A 391 18.15 21.26 6.85
CA PHE A 391 17.85 20.35 5.74
C PHE A 391 16.50 20.66 5.10
N GLU A 392 16.55 21.02 3.82
CA GLU A 392 15.33 21.36 3.09
C GLU A 392 14.45 20.15 2.85
N TRP A 393 15.05 19.06 2.37
CA TRP A 393 14.33 17.84 2.08
C TRP A 393 13.41 17.34 3.19
N ALA A 394 13.54 17.91 4.38
CA ALA A 394 12.71 17.51 5.51
C ALA A 394 11.23 17.64 5.15
N LYS A 395 10.91 18.62 4.31
CA LYS A 395 9.54 18.83 3.89
C LYS A 395 9.06 17.68 3.00
N ASP A 396 10.00 16.90 2.50
CA ASP A 396 9.65 15.78 1.62
C ASP A 396 9.49 14.45 2.37
N LEU A 397 9.51 14.53 3.69
CA LEU A 397 9.32 13.35 4.52
C LEU A 397 7.83 13.24 4.84
N GLN A 398 7.34 12.02 5.01
CA GLN A 398 5.93 11.84 5.32
C GLN A 398 5.69 10.60 6.16
N HIS A 399 4.78 10.73 7.12
CA HIS A 399 4.45 9.62 8.00
C HIS A 399 3.06 9.06 7.72
N VAL A 400 3.01 7.87 7.13
CA VAL A 400 1.73 7.23 6.86
C VAL A 400 1.47 6.32 8.04
N ASN A 401 0.57 6.74 8.92
CA ASN A 401 0.26 5.97 10.13
C ASN A 401 -0.92 5.03 9.98
N PHE A 402 -1.31 4.41 11.10
CA PHE A 402 -2.41 3.48 11.11
C PHE A 402 -2.79 3.08 12.54
N GLY A 403 -4.06 2.71 12.71
CA GLY A 403 -4.55 2.29 14.01
C GLY A 403 -4.03 0.90 14.30
N MET A 404 -4.46 0.29 15.40
CA MET A 404 -3.97 -1.03 15.75
C MET A 404 -4.92 -2.21 15.54
N VAL A 405 -4.33 -3.33 15.16
CA VAL A 405 -5.08 -4.57 14.94
C VAL A 405 -5.35 -5.12 16.32
N GLN A 406 -6.57 -5.52 16.61
CA GLN A 406 -6.90 -6.02 17.93
C GLN A 406 -7.38 -7.45 18.04
N GLY A 407 -7.10 -8.07 19.18
CA GLY A 407 -7.51 -9.44 19.42
C GLY A 407 -6.78 -10.44 18.57
N MET A 408 -5.73 -9.98 17.91
CA MET A 408 -4.99 -10.88 17.05
C MET A 408 -4.16 -11.83 17.86
N SER A 409 -3.55 -11.32 18.92
CA SER A 409 -2.69 -12.12 19.79
C SER A 409 -3.28 -13.49 20.03
N THR A 410 -3.07 -14.36 19.06
CA THR A 410 -3.56 -15.72 19.09
C THR A 410 -2.70 -16.52 20.05
N ARG A 411 -1.42 -16.20 20.11
CA ARG A 411 -0.54 -16.92 21.02
C ARG A 411 -1.30 -16.94 22.33
N LYS A 412 -1.66 -18.13 22.77
CA LYS A 412 -2.42 -18.26 24.00
C LYS A 412 -1.64 -17.72 25.19
N GLY A 413 -0.33 -17.61 25.04
CA GLY A 413 0.53 -17.13 26.10
C GLY A 413 0.77 -15.63 26.10
N THR A 414 0.67 -15.00 24.93
CA THR A 414 0.92 -13.55 24.78
C THR A 414 0.57 -12.99 23.40
N VAL A 415 1.35 -12.00 22.98
CA VAL A 415 1.20 -11.36 21.67
C VAL A 415 1.76 -12.27 20.58
N VAL A 416 1.37 -12.03 19.33
CA VAL A 416 1.92 -12.82 18.26
C VAL A 416 3.39 -12.45 18.37
N PHE A 417 4.26 -13.39 18.04
CA PHE A 417 5.68 -13.17 18.17
C PHE A 417 6.51 -13.23 16.89
N LEU A 418 6.35 -14.30 16.13
CA LEU A 418 7.16 -14.50 14.93
C LEU A 418 6.33 -14.48 13.64
N ASP A 419 6.64 -13.51 12.76
CA ASP A 419 5.93 -13.34 11.50
C ASP A 419 5.59 -14.64 10.79
N ASN A 420 6.60 -15.45 10.50
CA ASN A 420 6.33 -16.68 9.80
C ASN A 420 5.28 -17.55 10.49
N ILE A 421 5.25 -17.57 11.82
CA ILE A 421 4.26 -18.36 12.53
C ILE A 421 2.84 -17.82 12.23
N LEU A 422 2.74 -16.52 11.98
CA LEU A 422 1.44 -15.92 11.63
C LEU A 422 0.98 -16.55 10.32
N GLU A 423 1.78 -16.37 9.27
CA GLU A 423 1.45 -16.93 7.96
C GLU A 423 1.02 -18.37 8.12
N GLU A 424 1.80 -19.12 8.89
CA GLU A 424 1.53 -20.51 9.11
C GLU A 424 0.18 -20.77 9.75
N THR A 425 -0.12 -20.11 10.86
CA THR A 425 -1.40 -20.34 11.50
C THR A 425 -2.54 -19.99 10.55
N LYS A 426 -2.41 -18.87 9.81
CA LYS A 426 -3.43 -18.47 8.85
C LYS A 426 -3.64 -19.59 7.85
N GLU A 427 -2.55 -20.07 7.27
CA GLU A 427 -2.61 -21.14 6.29
C GLU A 427 -3.37 -22.33 6.87
N LYS A 428 -2.93 -22.80 8.04
CA LYS A 428 -3.56 -23.94 8.69
C LYS A 428 -5.04 -23.68 8.86
N MET A 429 -5.37 -22.57 9.49
CA MET A 429 -6.77 -22.25 9.72
C MET A 429 -7.55 -22.14 8.41
N HIS A 430 -6.90 -21.71 7.34
CA HIS A 430 -7.62 -21.59 6.08
C HIS A 430 -7.71 -22.93 5.36
N GLU A 431 -6.78 -23.83 5.69
CA GLU A 431 -6.74 -25.16 5.10
C GLU A 431 -7.92 -25.96 5.61
N VAL A 432 -8.12 -26.00 6.92
CA VAL A 432 -9.24 -26.75 7.46
C VAL A 432 -10.52 -26.01 7.11
N MET A 433 -10.37 -24.70 6.90
CA MET A 433 -11.49 -23.86 6.52
C MET A 433 -11.96 -24.34 5.13
N LYS A 434 -10.99 -24.54 4.23
CA LYS A 434 -11.26 -25.03 2.89
C LYS A 434 -11.86 -26.43 2.97
N LYS A 435 -11.36 -27.25 3.89
CA LYS A 435 -11.86 -28.60 4.05
C LYS A 435 -13.36 -28.63 4.34
N ASN A 436 -13.85 -27.66 5.10
CA ASN A 436 -15.26 -27.62 5.46
C ASN A 436 -16.22 -27.21 4.35
N GLU A 437 -15.70 -26.53 3.32
CA GLU A 437 -16.52 -26.12 2.20
C GLU A 437 -16.22 -27.02 1.00
N ASN A 438 -16.83 -28.21 0.99
CA ASN A 438 -16.61 -29.17 -0.10
C ASN A 438 -16.95 -28.56 -1.46
N LYS A 439 -17.83 -27.56 -1.48
CA LYS A 439 -18.27 -26.94 -2.72
C LYS A 439 -17.23 -26.09 -3.44
N TYR A 440 -16.22 -25.61 -2.73
CA TYR A 440 -15.21 -24.77 -3.38
C TYR A 440 -13.90 -25.48 -3.75
N ALA A 441 -13.55 -26.52 -3.02
CA ALA A 441 -12.30 -27.23 -3.33
C ALA A 441 -12.42 -28.59 -4.05
N GLN A 442 -11.50 -28.76 -4.99
CA GLN A 442 -11.35 -29.97 -5.82
C GLN A 442 -9.94 -29.85 -6.37
N ILE A 443 -9.20 -28.93 -5.76
CA ILE A 443 -7.82 -28.62 -6.14
C ILE A 443 -6.84 -29.76 -5.91
N GLU A 444 -5.68 -29.64 -6.54
CA GLU A 444 -4.63 -30.63 -6.45
C GLU A 444 -3.58 -30.21 -5.42
N HIS A 445 -3.45 -28.90 -5.21
CA HIS A 445 -2.49 -28.36 -4.26
C HIS A 445 -3.17 -27.57 -3.15
N PRO A 446 -3.92 -28.26 -2.27
CA PRO A 446 -4.63 -27.60 -1.18
C PRO A 446 -3.74 -26.70 -0.34
N GLU A 447 -2.66 -27.27 0.20
CA GLU A 447 -1.70 -26.54 1.03
C GLU A 447 -1.26 -25.22 0.40
N GLU A 448 -0.77 -25.31 -0.83
CA GLU A 448 -0.29 -24.15 -1.55
C GLU A 448 -1.37 -23.07 -1.69
N VAL A 449 -2.55 -23.49 -2.14
CA VAL A 449 -3.67 -22.57 -2.31
C VAL A 449 -4.07 -21.95 -0.97
N ALA A 450 -4.08 -22.78 0.06
CA ALA A 450 -4.42 -22.34 1.40
C ALA A 450 -3.54 -21.17 1.83
N ASP A 451 -2.23 -21.27 1.55
CA ASP A 451 -1.31 -20.20 1.95
C ASP A 451 -1.64 -18.92 1.21
N LEU A 452 -1.83 -19.01 -0.11
CA LEU A 452 -2.14 -17.85 -0.92
C LEU A 452 -3.47 -17.20 -0.52
N VAL A 453 -4.50 -18.02 -0.37
CA VAL A 453 -5.81 -17.54 0.00
C VAL A 453 -5.82 -17.03 1.42
N GLY A 454 -5.09 -17.73 2.29
CA GLY A 454 -5.01 -17.34 3.68
C GLY A 454 -4.42 -15.95 3.82
N ILE A 455 -3.33 -15.72 3.10
CA ILE A 455 -2.67 -14.44 3.15
C ILE A 455 -3.61 -13.39 2.55
N SER A 456 -4.34 -13.77 1.51
CA SER A 456 -5.27 -12.86 0.88
C SER A 456 -6.25 -12.36 1.94
N ALA A 457 -6.75 -13.30 2.73
CA ALA A 457 -7.69 -13.00 3.81
C ALA A 457 -7.15 -11.94 4.79
N VAL A 458 -5.92 -12.13 5.25
CA VAL A 458 -5.27 -11.20 6.17
C VAL A 458 -5.14 -9.80 5.55
N MET A 459 -4.60 -9.74 4.34
CA MET A 459 -4.41 -8.46 3.65
C MET A 459 -5.70 -7.66 3.41
N ILE A 460 -6.70 -8.32 2.83
CA ILE A 460 -7.97 -7.66 2.54
C ILE A 460 -8.60 -7.14 3.81
N GLN A 461 -8.74 -8.01 4.81
CA GLN A 461 -9.33 -7.60 6.09
C GLN A 461 -8.61 -6.41 6.68
N ASP A 462 -7.29 -6.36 6.51
CA ASP A 462 -6.52 -5.27 7.07
C ASP A 462 -6.65 -3.96 6.30
N MET A 463 -6.94 -4.05 5.01
CA MET A 463 -7.05 -2.83 4.20
C MET A 463 -8.47 -2.40 3.88
N GLN A 464 -9.47 -3.08 4.45
CA GLN A 464 -10.85 -2.73 4.20
C GLN A 464 -11.23 -1.31 4.58
N GLY A 465 -10.93 -0.91 5.82
CA GLY A 465 -11.26 0.43 6.24
C GLY A 465 -10.10 1.40 6.21
N LYS A 466 -10.29 2.59 6.77
CA LYS A 466 -9.22 3.58 6.81
C LYS A 466 -8.08 3.05 7.66
N ARG A 467 -6.86 3.45 7.29
CA ARG A 467 -5.65 3.01 7.98
C ARG A 467 -5.65 3.36 9.46
N ILE A 468 -6.12 4.56 9.77
CA ILE A 468 -6.16 5.07 11.13
C ILE A 468 -7.08 4.33 12.11
N ASN A 469 -8.06 3.61 11.59
CA ASN A 469 -9.02 2.92 12.45
C ASN A 469 -8.61 1.58 13.03
N ASN A 470 -8.84 1.40 14.32
CA ASN A 470 -8.54 0.12 14.94
C ASN A 470 -9.51 -0.88 14.32
N TYR A 471 -9.07 -2.10 14.08
CA TYR A 471 -9.95 -3.11 13.52
C TYR A 471 -9.74 -4.43 14.27
N GLU A 472 -10.80 -5.23 14.33
CA GLU A 472 -10.73 -6.51 15.02
C GLU A 472 -10.29 -7.66 14.11
N PHE A 473 -9.30 -8.42 14.54
CA PHE A 473 -8.81 -9.56 13.77
C PHE A 473 -9.79 -10.69 14.01
N LYS A 474 -10.65 -10.95 13.04
CA LYS A 474 -11.63 -12.00 13.19
C LYS A 474 -11.34 -13.21 12.30
N TRP A 475 -10.80 -14.28 12.89
CA TRP A 475 -10.50 -15.50 12.14
C TRP A 475 -11.69 -16.01 11.34
N GLU A 476 -12.82 -16.13 12.03
CA GLU A 476 -14.03 -16.61 11.40
C GLU A 476 -14.46 -15.78 10.19
N ARG A 477 -14.68 -14.49 10.40
CA ARG A 477 -15.13 -13.61 9.34
C ARG A 477 -14.14 -13.44 8.19
N MET A 478 -12.86 -13.34 8.49
CA MET A 478 -11.87 -13.11 7.44
C MET A 478 -11.58 -14.29 6.53
N LEU A 479 -11.62 -15.50 7.06
CA LEU A 479 -11.32 -16.68 6.24
C LEU A 479 -12.48 -17.17 5.40
N SER A 480 -13.69 -16.77 5.76
CA SER A 480 -14.88 -17.20 5.03
C SER A 480 -14.92 -16.81 3.57
N PHE A 481 -15.63 -17.60 2.76
CA PHE A 481 -15.78 -17.32 1.34
C PHE A 481 -17.09 -16.54 1.15
N GLU A 482 -17.68 -16.06 2.25
CA GLU A 482 -18.94 -15.36 2.20
C GLU A 482 -18.98 -13.87 1.82
N GLY A 483 -18.90 -12.98 2.81
CA GLY A 483 -18.95 -11.54 2.51
C GLY A 483 -17.81 -11.03 1.63
N ASP A 484 -17.46 -9.75 1.78
CA ASP A 484 -16.37 -9.18 0.99
C ASP A 484 -15.06 -9.51 1.70
N THR A 485 -14.62 -10.74 1.51
CA THR A 485 -13.40 -11.27 2.13
C THR A 485 -12.32 -11.58 1.11
N GLY A 486 -11.12 -11.88 1.62
CA GLY A 486 -10.01 -12.22 0.74
C GLY A 486 -10.35 -13.44 -0.08
N PRO A 487 -10.81 -14.52 0.57
CA PRO A 487 -11.16 -15.74 -0.17
C PRO A 487 -12.22 -15.47 -1.24
N TYR A 488 -13.08 -14.49 -1.00
CA TYR A 488 -14.12 -14.15 -1.96
C TYR A 488 -13.49 -13.65 -3.26
N LEU A 489 -12.48 -12.81 -3.15
CA LEU A 489 -11.80 -12.28 -4.33
C LEU A 489 -11.08 -13.41 -5.07
N GLN A 490 -10.38 -14.25 -4.33
CA GLN A 490 -9.65 -15.35 -4.93
C GLN A 490 -10.56 -16.25 -5.78
N TYR A 491 -11.65 -16.74 -5.16
CA TYR A 491 -12.59 -17.62 -5.85
C TYR A 491 -13.21 -16.92 -7.06
N ALA A 492 -13.39 -15.61 -6.95
CA ALA A 492 -13.97 -14.81 -8.02
C ALA A 492 -13.00 -14.74 -9.19
N HIS A 493 -11.73 -14.53 -8.87
CA HIS A 493 -10.69 -14.45 -9.89
C HIS A 493 -10.67 -15.80 -10.61
N SER A 494 -10.71 -16.87 -9.82
CA SER A 494 -10.72 -18.22 -10.34
C SER A 494 -11.88 -18.46 -11.31
N ARG A 495 -13.08 -18.08 -10.90
CA ARG A 495 -14.25 -18.25 -11.75
C ARG A 495 -14.03 -17.45 -13.05
N LEU A 496 -13.65 -16.18 -12.92
CA LEU A 496 -13.42 -15.35 -14.10
C LEU A 496 -12.37 -15.99 -14.98
N ARG A 497 -11.27 -16.43 -14.37
CA ARG A 497 -10.20 -17.05 -15.14
C ARG A 497 -10.75 -18.24 -15.93
N SER A 498 -11.51 -19.11 -15.28
CA SER A 498 -12.07 -20.26 -15.96
C SER A 498 -12.99 -19.85 -17.12
N VAL A 499 -13.71 -18.74 -16.96
CA VAL A 499 -14.61 -18.25 -18.00
C VAL A 499 -13.86 -17.90 -19.28
N GLU A 500 -12.63 -17.41 -19.14
CA GLU A 500 -11.81 -17.06 -20.30
C GLU A 500 -11.58 -18.33 -21.13
N ARG A 501 -11.75 -19.47 -20.47
CA ARG A 501 -11.59 -20.80 -21.07
C ARG A 501 -10.44 -20.90 -22.07
N ASN A 502 -9.21 -20.72 -21.58
CA ASN A 502 -8.02 -20.78 -22.41
C ASN A 502 -8.10 -19.74 -23.52
N ALA A 503 -7.41 -18.61 -23.32
CA ALA A 503 -7.41 -17.54 -24.31
C ALA A 503 -6.09 -17.52 -25.08
N SER A 504 -6.08 -18.16 -26.25
CA SER A 504 -4.88 -18.20 -27.09
C SER A 504 -4.43 -16.79 -27.43
N GLY A 505 -3.18 -16.66 -27.86
CA GLY A 505 -2.67 -15.35 -28.23
C GLY A 505 -3.49 -14.72 -29.33
N ILE A 506 -3.93 -15.56 -30.27
CA ILE A 506 -4.73 -15.12 -31.41
C ILE A 506 -6.19 -14.86 -31.02
N THR A 507 -6.62 -15.50 -29.92
CA THR A 507 -7.98 -15.36 -29.41
C THR A 507 -8.18 -14.03 -28.69
N GLN A 508 -7.27 -13.70 -27.79
CA GLN A 508 -7.39 -12.45 -27.07
C GLN A 508 -7.33 -11.33 -28.11
N GLU A 509 -6.82 -11.68 -29.28
CA GLU A 509 -6.69 -10.74 -30.39
C GLU A 509 -8.05 -10.48 -31.04
N LYS A 510 -8.87 -11.52 -31.16
CA LYS A 510 -10.17 -11.34 -31.77
C LYS A 510 -11.09 -10.67 -30.76
N TRP A 511 -10.73 -10.72 -29.49
CA TRP A 511 -11.52 -10.09 -28.43
C TRP A 511 -11.41 -8.59 -28.63
N ILE A 512 -10.19 -8.14 -28.92
CA ILE A 512 -9.91 -6.73 -29.16
C ILE A 512 -10.71 -6.18 -30.34
N ASN A 513 -11.13 -7.06 -31.23
CA ASN A 513 -11.90 -6.65 -32.40
C ASN A 513 -13.36 -7.08 -32.36
N ALA A 514 -13.78 -7.64 -31.23
CA ALA A 514 -15.16 -8.09 -31.09
C ALA A 514 -16.14 -6.94 -31.34
N ASP A 515 -17.38 -7.29 -31.66
CA ASP A 515 -18.39 -6.27 -31.92
C ASP A 515 -19.04 -5.87 -30.59
N PHE A 516 -18.38 -4.94 -29.90
CA PHE A 516 -18.82 -4.44 -28.61
C PHE A 516 -20.24 -3.88 -28.60
N SER A 517 -20.78 -3.57 -29.76
CA SER A 517 -22.13 -3.04 -29.84
C SER A 517 -23.12 -4.10 -29.34
N LEU A 518 -22.66 -5.34 -29.30
CA LEU A 518 -23.49 -6.46 -28.83
C LEU A 518 -23.61 -6.48 -27.31
N LEU A 519 -22.77 -5.68 -26.64
CA LEU A 519 -22.79 -5.58 -25.20
C LEU A 519 -23.80 -4.49 -24.82
N LYS A 520 -25.05 -4.68 -25.20
CA LYS A 520 -26.09 -3.69 -24.94
C LYS A 520 -26.81 -3.80 -23.58
N GLU A 521 -26.69 -4.93 -22.91
CA GLU A 521 -27.33 -5.12 -21.61
C GLU A 521 -26.80 -4.17 -20.52
N PRO A 522 -27.71 -3.60 -19.71
CA PRO A 522 -27.32 -2.66 -18.65
C PRO A 522 -26.26 -3.27 -17.73
N ALA A 523 -26.45 -4.54 -17.39
CA ALA A 523 -25.49 -5.23 -16.52
C ALA A 523 -24.10 -5.10 -17.12
N ALA A 524 -24.02 -5.16 -18.45
CA ALA A 524 -22.73 -5.06 -19.14
C ALA A 524 -22.23 -3.61 -19.11
N LYS A 525 -23.12 -2.68 -19.40
CA LYS A 525 -22.75 -1.27 -19.40
C LYS A 525 -22.12 -0.89 -18.07
N LEU A 526 -22.65 -1.43 -16.99
CA LEU A 526 -22.15 -1.11 -15.66
C LEU A 526 -20.75 -1.63 -15.41
N LEU A 527 -20.46 -2.83 -15.91
CA LEU A 527 -19.13 -3.41 -15.74
C LEU A 527 -18.13 -2.57 -16.55
N ILE A 528 -18.49 -2.26 -17.80
CA ILE A 528 -17.62 -1.47 -18.68
C ILE A 528 -17.29 -0.14 -18.01
N ARG A 529 -18.33 0.49 -17.47
CA ARG A 529 -18.18 1.75 -16.77
C ARG A 529 -17.09 1.50 -15.73
N LEU A 530 -17.36 0.49 -14.91
CA LEU A 530 -16.48 0.07 -13.81
C LEU A 530 -15.04 -0.16 -14.26
N LEU A 531 -14.86 -0.93 -15.32
CA LEU A 531 -13.52 -1.21 -15.82
C LEU A 531 -12.74 0.06 -16.19
N GLY A 532 -13.43 1.04 -16.76
CA GLY A 532 -12.73 2.25 -17.14
C GLY A 532 -12.25 3.07 -15.97
N GLN A 533 -12.76 2.76 -14.79
CA GLN A 533 -12.41 3.49 -13.58
C GLN A 533 -11.14 3.07 -12.82
N TYR A 534 -10.58 1.91 -13.15
CA TYR A 534 -9.39 1.43 -12.45
C TYR A 534 -8.23 2.44 -12.40
N PRO A 535 -7.84 3.03 -13.55
CA PRO A 535 -6.75 4.01 -13.54
C PRO A 535 -7.02 5.16 -12.56
N ASP A 536 -8.25 5.65 -12.57
CA ASP A 536 -8.62 6.74 -11.69
C ASP A 536 -8.56 6.32 -10.23
N VAL A 537 -8.91 5.05 -9.98
CA VAL A 537 -8.89 4.50 -8.63
C VAL A 537 -7.48 4.61 -8.05
N LEU A 538 -6.50 4.15 -8.83
CA LEU A 538 -5.11 4.20 -8.40
C LEU A 538 -4.67 5.64 -8.17
N ARG A 539 -5.00 6.52 -9.11
CA ARG A 539 -4.65 7.93 -9.02
C ARG A 539 -5.15 8.51 -7.70
N ASN A 540 -6.38 8.17 -7.35
CA ASN A 540 -6.96 8.68 -6.11
C ASN A 540 -6.32 8.11 -4.86
N ALA A 541 -5.99 6.82 -4.90
CA ALA A 541 -5.37 6.13 -3.76
C ALA A 541 -4.01 6.65 -3.33
N ILE A 542 -3.19 7.07 -4.28
CA ILE A 542 -1.86 7.59 -3.98
C ILE A 542 -2.01 8.99 -3.41
N LYS A 543 -3.16 9.58 -3.68
CA LYS A 543 -3.46 10.91 -3.22
C LYS A 543 -3.83 10.82 -1.74
N THR A 544 -4.29 9.65 -1.32
CA THR A 544 -4.73 9.43 0.06
C THR A 544 -3.96 8.34 0.81
N HIS A 545 -3.21 7.53 0.08
CA HIS A 545 -2.46 6.45 0.70
C HIS A 545 -3.40 5.52 1.43
N GLU A 546 -4.61 5.38 0.89
CA GLU A 546 -5.62 4.52 1.49
C GLU A 546 -6.00 3.42 0.52
N PRO A 547 -5.69 2.16 0.85
CA PRO A 547 -6.02 1.05 -0.04
C PRO A 547 -7.51 0.70 -0.10
N THR A 548 -8.29 1.15 0.88
CA THR A 548 -9.74 0.87 0.93
C THR A 548 -10.37 1.09 -0.44
N THR A 549 -10.12 2.28 -0.98
CA THR A 549 -10.60 2.69 -2.29
C THR A 549 -10.46 1.57 -3.33
N VAL A 550 -9.29 0.93 -3.33
CA VAL A 550 -8.97 -0.15 -4.25
C VAL A 550 -9.76 -1.40 -3.88
N VAL A 551 -9.74 -1.72 -2.59
CA VAL A 551 -10.46 -2.89 -2.11
C VAL A 551 -11.95 -2.77 -2.39
N THR A 552 -12.49 -1.57 -2.18
CA THR A 552 -13.90 -1.33 -2.44
C THR A 552 -14.19 -1.42 -3.92
N TYR A 553 -13.26 -0.95 -4.74
CA TYR A 553 -13.44 -1.00 -6.18
C TYR A 553 -13.46 -2.43 -6.68
N LEU A 554 -12.53 -3.26 -6.19
CA LEU A 554 -12.44 -4.65 -6.61
C LEU A 554 -13.68 -5.46 -6.25
N PHE A 555 -14.33 -5.14 -5.12
CA PHE A 555 -15.52 -5.86 -4.75
C PHE A 555 -16.71 -5.43 -5.61
N LYS A 556 -16.74 -4.16 -6.02
CA LYS A 556 -17.81 -3.68 -6.89
C LYS A 556 -17.67 -4.44 -8.19
N LEU A 557 -16.42 -4.64 -8.60
CA LEU A 557 -16.09 -5.33 -9.84
C LEU A 557 -16.58 -6.78 -9.84
N THR A 558 -16.18 -7.54 -8.82
CA THR A 558 -16.59 -8.94 -8.73
C THR A 558 -18.09 -9.07 -8.66
N HIS A 559 -18.75 -8.18 -7.91
CA HIS A 559 -20.20 -8.25 -7.79
C HIS A 559 -20.91 -7.95 -9.11
N GLN A 560 -20.35 -7.05 -9.91
CA GLN A 560 -20.98 -6.73 -11.18
C GLN A 560 -20.75 -7.90 -12.15
N VAL A 561 -19.55 -8.48 -12.10
CA VAL A 561 -19.24 -9.63 -12.96
C VAL A 561 -20.22 -10.75 -12.58
N SER A 562 -20.58 -10.78 -11.30
CA SER A 562 -21.50 -11.77 -10.79
C SER A 562 -22.87 -11.53 -11.43
N SER A 563 -23.30 -10.28 -11.46
CA SER A 563 -24.58 -9.94 -12.08
C SER A 563 -24.57 -10.31 -13.55
N CYS A 564 -23.42 -10.15 -14.19
CA CYS A 564 -23.28 -10.45 -15.61
C CYS A 564 -23.36 -11.94 -15.90
N TYR A 565 -22.87 -12.76 -14.98
CA TYR A 565 -22.91 -14.22 -15.14
C TYR A 565 -24.35 -14.70 -15.36
N ASP A 566 -25.30 -14.05 -14.68
CA ASP A 566 -26.70 -14.44 -14.79
C ASP A 566 -27.32 -14.13 -16.16
N VAL A 567 -26.81 -13.10 -16.82
CA VAL A 567 -27.39 -12.69 -18.11
C VAL A 567 -26.50 -12.73 -19.35
N LEU A 568 -25.21 -12.43 -19.20
CA LEU A 568 -24.32 -12.43 -20.34
C LEU A 568 -23.69 -13.81 -20.52
N TRP A 569 -24.51 -14.77 -20.96
CA TRP A 569 -24.05 -16.14 -21.16
C TRP A 569 -23.10 -16.25 -22.35
N VAL A 570 -22.10 -17.11 -22.22
CA VAL A 570 -21.13 -17.31 -23.29
C VAL A 570 -21.40 -18.59 -24.06
N ALA A 571 -21.70 -19.68 -23.35
CA ALA A 571 -21.96 -20.96 -23.99
C ALA A 571 -23.26 -21.01 -24.78
N GLY A 572 -23.19 -21.64 -25.95
CA GLY A 572 -24.36 -21.80 -26.80
C GLY A 572 -24.75 -20.58 -27.61
N GLN A 573 -23.92 -19.55 -27.59
CA GLN A 573 -24.21 -18.34 -28.34
C GLN A 573 -23.50 -18.32 -29.68
N THR A 574 -23.91 -17.41 -30.55
CA THR A 574 -23.27 -17.27 -31.84
C THR A 574 -21.82 -16.87 -31.51
N GLU A 575 -20.93 -16.93 -32.50
CA GLU A 575 -19.55 -16.57 -32.23
C GLU A 575 -19.41 -15.08 -31.88
N GLU A 576 -20.09 -14.23 -32.64
CA GLU A 576 -20.05 -12.79 -32.44
C GLU A 576 -20.41 -12.35 -31.03
N LEU A 577 -21.45 -12.98 -30.47
CA LEU A 577 -21.93 -12.64 -29.13
C LEU A 577 -21.00 -13.16 -28.04
N ALA A 578 -20.59 -14.42 -28.17
CA ALA A 578 -19.70 -15.04 -27.20
C ALA A 578 -18.38 -14.28 -27.14
N THR A 579 -17.90 -13.86 -28.31
CA THR A 579 -16.63 -13.13 -28.38
C THR A 579 -16.70 -11.76 -27.71
N ALA A 580 -17.79 -11.04 -27.92
CA ALA A 580 -17.96 -9.73 -27.31
C ALA A 580 -18.04 -9.85 -25.79
N ARG A 581 -18.70 -10.91 -25.32
CA ARG A 581 -18.84 -11.12 -23.90
C ARG A 581 -17.53 -11.56 -23.25
N LEU A 582 -16.85 -12.51 -23.88
CA LEU A 582 -15.58 -13.00 -23.35
C LEU A 582 -14.55 -11.88 -23.32
N ALA A 583 -14.64 -10.95 -24.26
CA ALA A 583 -13.71 -9.83 -24.30
C ALA A 583 -13.90 -9.05 -23.01
N LEU A 584 -15.17 -8.87 -22.62
CA LEU A 584 -15.52 -8.14 -21.42
C LEU A 584 -15.04 -8.89 -20.18
N TYR A 585 -15.36 -10.18 -20.10
CA TYR A 585 -14.95 -11.00 -18.98
C TYR A 585 -13.42 -10.99 -18.84
N GLY A 586 -12.73 -11.10 -19.98
CA GLY A 586 -11.28 -11.10 -19.97
C GLY A 586 -10.72 -9.79 -19.47
N ALA A 587 -11.26 -8.69 -19.98
CA ALA A 587 -10.79 -7.38 -19.56
C ALA A 587 -11.05 -7.25 -18.05
N ALA A 588 -12.23 -7.74 -17.64
CA ALA A 588 -12.64 -7.69 -16.25
C ALA A 588 -11.69 -8.49 -15.37
N ARG A 589 -11.34 -9.69 -15.81
CA ARG A 589 -10.43 -10.54 -15.06
C ARG A 589 -9.07 -9.87 -14.95
N GLN A 590 -8.61 -9.25 -16.04
CA GLN A 590 -7.33 -8.57 -16.07
C GLN A 590 -7.27 -7.47 -15.01
N VAL A 591 -8.33 -6.68 -14.92
CA VAL A 591 -8.36 -5.61 -13.95
C VAL A 591 -8.34 -6.16 -12.53
N LEU A 592 -9.15 -7.20 -12.30
CA LEU A 592 -9.22 -7.84 -11.00
C LEU A 592 -7.83 -8.33 -10.62
N TYR A 593 -7.19 -9.00 -11.56
CA TYR A 593 -5.83 -9.51 -11.37
C TYR A 593 -4.92 -8.37 -10.93
N ASN A 594 -4.84 -7.34 -11.76
CA ASN A 594 -4.01 -6.18 -11.49
C ASN A 594 -4.24 -5.62 -10.09
N GLY A 595 -5.51 -5.39 -9.75
CA GLY A 595 -5.84 -4.83 -8.45
C GLY A 595 -5.40 -5.67 -7.27
N MET A 596 -5.54 -6.99 -7.39
CA MET A 596 -5.15 -7.88 -6.31
C MET A 596 -3.64 -7.85 -6.13
N ARG A 597 -2.90 -7.92 -7.22
CA ARG A 597 -1.44 -7.88 -7.18
C ARG A 597 -1.01 -6.57 -6.51
N LEU A 598 -1.61 -5.46 -6.93
CA LEU A 598 -1.31 -4.16 -6.37
C LEU A 598 -1.41 -4.20 -4.84
N LEU A 599 -2.47 -4.82 -4.34
CA LEU A 599 -2.69 -4.92 -2.90
C LEU A 599 -1.69 -5.85 -2.22
N GLY A 600 -0.98 -6.65 -3.02
CA GLY A 600 -0.01 -7.57 -2.44
C GLY A 600 -0.45 -9.02 -2.48
N LEU A 601 -1.62 -9.27 -3.08
CA LEU A 601 -2.12 -10.63 -3.17
C LEU A 601 -1.49 -11.41 -4.32
N THR A 602 -1.63 -12.73 -4.24
CA THR A 602 -1.14 -13.62 -5.28
C THR A 602 -2.40 -14.29 -5.82
N PRO A 603 -2.93 -13.81 -6.96
CA PRO A 603 -4.14 -14.42 -7.52
C PRO A 603 -3.93 -15.91 -7.78
N VAL A 604 -4.80 -16.75 -7.21
CA VAL A 604 -4.69 -18.18 -7.42
C VAL A 604 -5.08 -18.47 -8.86
N GLU A 605 -4.15 -19.03 -9.62
CA GLU A 605 -4.40 -19.34 -11.02
C GLU A 605 -4.35 -20.85 -11.23
N ARG A 606 -3.27 -21.47 -10.77
CA ARG A 606 -3.07 -22.91 -10.89
C ARG A 606 -3.70 -23.64 -9.71
N MET A 607 -4.77 -24.39 -9.98
CA MET A 607 -5.45 -25.15 -8.92
C MET A 607 -4.63 -26.34 -8.48
#